data_8QHE
#
_entry.id   8QHE
#
_cell.length_a   79.255
_cell.length_b   101.104
_cell.length_c   36.388
_cell.angle_alpha   90.000
_cell.angle_beta   90.000
_cell.angle_gamma   90.000
#
_symmetry.space_group_name_H-M   'P 21 21 2'
#
loop_
_entity.id
_entity.type
_entity.pdbx_description
1 polymer '6-phosphogluconate dehydrogenase NADP-binding domain-containing protein'
2 non-polymer 'NADPH DIHYDRO-NICOTINAMIDE-ADENINE-DINUCLEOTIDE PHOSPHATE'
3 non-polymer ~{N}-methylcyclohexanamine
4 non-polymer 'MAGNESIUM ION'
5 water water
#
_entity_poly.entity_id   1
_entity_poly.type   'polypeptide(L)'
_entity_poly.pdbx_seq_one_letter_code
;MGSSHHHHHHSSGLVPRGSHMSSVSIFGLGAMGTALASRFLEEKYKVAVWNRSPEKASPLLEKGATLSHTALDGINASDL
IVICLLDNAAVQATLNSALEHLRGKTIINLTNGTPDQARKLSDLIVSHGAQYVHGGIMATPSMIGSPHALVLYSGSPDAF
KTAEADLSVLAKCIFLGEDAGSASLHDLALLSGMYGLFSGFLHATALVRSSTPAVKFVDLLVPWLGAMTEYTKGMAKQID
EGNYASEGSNLGMQLVAIQNIIDASAAQQVSADFIRPMKEFMEKAVVAGHGGDDISSLIDFVKST
;
_entity_poly.pdbx_strand_id   A
#
# COMPACT_ATOMS: atom_id res chain seq x y z
N MET A 21 -14.59 -10.99 26.00
CA MET A 21 -14.31 -12.26 25.33
C MET A 21 -13.46 -12.10 24.06
N SER A 22 -13.60 -10.96 23.38
N SER A 22 -13.61 -10.95 23.39
CA SER A 22 -12.83 -10.67 22.18
CA SER A 22 -12.85 -10.64 22.17
C SER A 22 -11.64 -9.79 22.56
C SER A 22 -11.64 -9.77 22.52
N SER A 23 -10.45 -10.17 22.09
CA SER A 23 -9.25 -9.46 22.50
C SER A 23 -8.23 -9.36 21.37
N VAL A 24 -7.40 -8.32 21.47
CA VAL A 24 -6.34 -8.07 20.49
C VAL A 24 -5.22 -7.31 21.18
N SER A 25 -4.03 -7.45 20.63
CA SER A 25 -2.85 -6.78 21.14
C SER A 25 -2.16 -6.09 19.99
N ILE A 26 -2.03 -4.74 20.07
CA ILE A 26 -1.52 -3.89 18.99
C ILE A 26 -0.12 -3.43 19.32
N PHE A 27 0.78 -3.47 18.31
CA PHE A 27 2.14 -3.00 18.39
C PHE A 27 2.33 -1.91 17.34
N GLY A 28 2.58 -0.68 17.83
CA GLY A 28 2.66 0.46 16.91
C GLY A 28 1.50 1.45 17.10
N LEU A 29 1.77 2.63 17.63
CA LEU A 29 0.72 3.64 17.83
C LEU A 29 1.08 4.95 17.11
N GLY A 30 1.61 4.79 15.90
CA GLY A 30 1.67 5.81 14.91
C GLY A 30 0.29 6.23 14.45
N ALA A 31 0.24 6.92 13.33
CA ALA A 31 -1.04 7.34 12.77
C ALA A 31 -1.92 6.13 12.51
N MET A 32 -1.36 5.12 11.88
CA MET A 32 -2.23 4.02 11.48
C MET A 32 -2.53 3.10 12.68
N GLY A 33 -1.48 2.76 13.53
CA GLY A 33 -1.73 1.86 14.64
C GLY A 33 -2.76 2.48 15.59
N THR A 34 -2.68 3.79 15.76
CA THR A 34 -3.67 4.45 16.61
C THR A 34 -5.07 4.26 16.06
N ALA A 35 -5.23 4.34 14.74
CA ALA A 35 -6.58 4.20 14.17
C ALA A 35 -7.07 2.75 14.33
N LEU A 36 -6.16 1.76 14.22
CA LEU A 36 -6.54 0.36 14.45
C LEU A 36 -6.99 0.15 15.88
N ALA A 37 -6.20 0.64 16.81
CA ALA A 37 -6.51 0.47 18.22
C ALA A 37 -7.84 1.14 18.54
N SER A 38 -8.06 2.34 18.01
CA SER A 38 -9.29 3.06 18.31
C SER A 38 -10.50 2.31 17.81
N ARG A 39 -10.38 1.74 16.60
CA ARG A 39 -11.52 0.98 16.02
C ARG A 39 -11.83 -0.24 16.86
N PHE A 40 -10.80 -1.02 17.30
CA PHE A 40 -11.11 -2.20 18.10
C PHE A 40 -11.77 -1.80 19.42
N LEU A 41 -11.32 -0.70 19.98
CA LEU A 41 -11.91 -0.24 21.24
C LEU A 41 -13.39 0.10 21.07
N GLU A 42 -13.69 0.81 20.00
CA GLU A 42 -15.08 1.20 19.65
C GLU A 42 -15.98 -0.03 19.57
N GLU A 43 -15.45 -1.13 19.07
CA GLU A 43 -16.20 -2.37 18.94
C GLU A 43 -16.08 -3.23 20.19
N LYS A 44 -15.64 -2.63 21.30
CA LYS A 44 -15.66 -3.24 22.62
C LYS A 44 -14.72 -4.42 22.78
N TYR A 45 -13.67 -4.49 21.97
CA TYR A 45 -12.60 -5.44 22.21
C TYR A 45 -11.83 -5.06 23.46
N LYS A 46 -11.27 -6.08 24.10
CA LYS A 46 -10.18 -5.90 25.04
C LYS A 46 -8.94 -5.64 24.22
N VAL A 47 -8.30 -4.48 24.39
CA VAL A 47 -7.24 -4.03 23.49
C VAL A 47 -6.02 -3.68 24.32
N ALA A 48 -4.91 -4.36 24.06
CA ALA A 48 -3.62 -4.02 24.64
C ALA A 48 -2.87 -3.22 23.60
N VAL A 49 -2.09 -2.21 24.05
CA VAL A 49 -1.32 -1.39 23.14
C VAL A 49 0.11 -1.23 23.57
N TRP A 50 1.02 -1.24 22.59
CA TRP A 50 2.45 -1.14 22.81
C TRP A 50 2.97 -0.13 21.81
N ASN A 51 3.87 0.76 22.25
CA ASN A 51 4.57 1.70 21.36
C ASN A 51 5.93 2.04 21.98
N ARG A 52 6.91 2.20 21.11
CA ARG A 52 8.26 2.57 21.55
C ARG A 52 8.23 3.83 22.40
N SER A 53 7.48 4.86 21.94
CA SER A 53 7.23 6.09 22.68
C SER A 53 5.90 5.92 23.38
N PRO A 54 5.89 5.48 24.66
CA PRO A 54 4.61 5.05 25.28
C PRO A 54 3.60 6.15 25.51
N GLU A 55 4.02 7.42 25.43
CA GLU A 55 3.06 8.50 25.61
C GLU A 55 2.06 8.61 24.46
N LYS A 56 2.33 8.00 23.30
CA LYS A 56 1.32 7.92 22.27
C LYS A 56 0.19 7.03 22.69
N ALA A 57 0.33 6.25 23.80
CA ALA A 57 -0.76 5.41 24.26
C ALA A 57 -1.82 6.17 25.03
N SER A 58 -1.48 7.31 25.64
CA SER A 58 -2.43 7.93 26.57
C SER A 58 -3.82 8.12 25.99
N PRO A 59 -4.01 8.70 24.81
CA PRO A 59 -5.38 8.84 24.31
C PRO A 59 -6.11 7.50 24.24
N LEU A 60 -5.39 6.39 24.01
CA LEU A 60 -6.03 5.07 23.94
C LEU A 60 -6.32 4.51 25.33
N LEU A 61 -5.43 4.75 26.30
CA LEU A 61 -5.65 4.25 27.64
C LEU A 61 -6.87 4.88 28.25
N GLU A 62 -7.04 6.17 27.98
CA GLU A 62 -8.23 6.87 28.43
C GLU A 62 -9.51 6.25 27.86
N LYS A 63 -9.43 5.63 26.69
CA LYS A 63 -10.61 5.00 26.10
C LYS A 63 -10.74 3.52 26.40
N GLY A 64 -9.93 2.97 27.33
CA GLY A 64 -10.11 1.63 27.85
C GLY A 64 -9.04 0.63 27.45
N ALA A 65 -8.05 1.05 26.71
CA ALA A 65 -6.95 0.12 26.40
C ALA A 65 -6.07 -0.12 27.61
N THR A 66 -5.39 -1.25 27.59
CA THR A 66 -4.35 -1.62 28.55
C THR A 66 -2.95 -1.40 27.97
N LEU A 67 -2.09 -0.73 28.73
CA LEU A 67 -0.75 -0.51 28.21
C LEU A 67 0.14 -1.72 28.43
N SER A 68 0.81 -2.14 27.38
CA SER A 68 1.85 -3.19 27.40
C SER A 68 3.14 -2.47 27.78
N HIS A 69 3.63 -2.67 29.00
CA HIS A 69 4.83 -1.94 29.41
C HIS A 69 6.06 -2.45 28.71
N THR A 70 6.04 -3.71 28.27
CA THR A 70 7.15 -4.30 27.56
C THR A 70 6.57 -5.04 26.37
N ALA A 71 7.44 -5.37 25.41
CA ALA A 71 6.95 -6.12 24.25
C ALA A 71 6.39 -7.48 24.68
N LEU A 72 7.02 -8.13 25.67
CA LEU A 72 6.52 -9.41 26.12
C LEU A 72 5.17 -9.29 26.76
N ASP A 73 4.90 -8.21 27.54
CA ASP A 73 3.55 -8.01 28.01
C ASP A 73 2.55 -7.96 26.86
N GLY A 74 2.91 -7.29 25.77
CA GLY A 74 2.04 -7.24 24.59
C GLY A 74 1.82 -8.59 23.93
N ILE A 75 2.89 -9.41 23.86
CA ILE A 75 2.77 -10.76 23.33
CA ILE A 75 2.77 -10.76 23.33
C ILE A 75 1.85 -11.61 24.19
N ASN A 76 1.91 -11.42 25.53
CA ASN A 76 1.10 -12.22 26.45
C ASN A 76 -0.31 -11.68 26.64
N ALA A 77 -0.62 -10.50 26.09
CA ALA A 77 -1.95 -9.91 26.28
C ALA A 77 -3.05 -10.60 25.47
N SER A 78 -2.73 -11.31 24.39
CA SER A 78 -3.74 -11.86 23.49
C SER A 78 -3.05 -12.89 22.62
N ASP A 79 -3.84 -13.84 22.06
CA ASP A 79 -3.28 -14.69 21.02
C ASP A 79 -3.38 -14.07 19.62
N LEU A 80 -4.03 -12.92 19.46
CA LEU A 80 -4.14 -12.19 18.21
C LEU A 80 -3.29 -10.93 18.35
N ILE A 81 -2.15 -10.93 17.68
CA ILE A 81 -1.19 -9.82 17.71
C ILE A 81 -1.24 -9.09 16.37
N VAL A 82 -1.50 -7.80 16.41
CA VAL A 82 -1.58 -6.96 15.22
C VAL A 82 -0.45 -5.95 15.27
N ILE A 83 0.43 -5.99 14.30
CA ILE A 83 1.60 -5.11 14.29
C ILE A 83 1.50 -4.09 13.16
N CYS A 84 1.83 -2.84 13.47
CA CYS A 84 1.76 -1.79 12.46
C CYS A 84 2.81 -0.71 12.75
N LEU A 85 4.05 -0.99 12.33
CA LEU A 85 5.22 -0.20 12.62
C LEU A 85 5.74 0.41 11.32
N LEU A 86 6.73 1.28 11.44
CA LEU A 86 7.23 1.99 10.26
C LEU A 86 7.76 1.02 9.21
N ASP A 87 8.55 0.01 9.64
CA ASP A 87 9.18 -0.87 8.67
C ASP A 87 9.52 -2.20 9.31
N ASN A 88 9.92 -3.15 8.48
N ASN A 88 9.95 -3.11 8.43
CA ASN A 88 10.03 -4.50 9.05
CA ASN A 88 10.25 -4.48 8.83
C ASN A 88 11.33 -4.65 9.88
C ASN A 88 11.26 -4.51 9.96
N ALA A 89 12.29 -3.69 9.82
CA ALA A 89 13.36 -3.67 10.80
C ALA A 89 12.83 -3.39 12.19
N ALA A 90 11.90 -2.42 12.30
CA ALA A 90 11.29 -2.16 13.59
C ALA A 90 10.54 -3.38 14.07
N VAL A 91 9.94 -4.12 13.16
CA VAL A 91 9.13 -5.28 13.58
C VAL A 91 10.05 -6.35 14.16
N GLN A 92 11.12 -6.65 13.42
CA GLN A 92 12.04 -7.68 13.90
C GLN A 92 12.64 -7.30 15.24
N ALA A 93 13.02 -6.03 15.41
CA ALA A 93 13.67 -5.60 16.64
C ALA A 93 12.73 -5.69 17.83
N THR A 94 11.46 -5.41 17.59
CA THR A 94 10.46 -5.42 18.63
C THR A 94 10.17 -6.82 19.10
N LEU A 95 10.09 -7.76 18.18
CA LEU A 95 9.75 -9.14 18.54
C LEU A 95 10.94 -9.92 19.06
N ASN A 96 12.13 -9.44 18.79
CA ASN A 96 13.31 -10.31 18.96
C ASN A 96 13.39 -10.87 20.39
N SER A 97 13.12 -10.05 21.40
CA SER A 97 13.23 -10.49 22.78
C SER A 97 12.20 -11.57 23.12
N ALA A 98 11.09 -11.61 22.39
CA ALA A 98 9.94 -12.41 22.75
C ALA A 98 9.71 -13.60 21.83
N LEU A 99 10.67 -13.95 20.98
CA LEU A 99 10.43 -14.97 19.98
C LEU A 99 10.10 -16.32 20.61
N GLU A 100 10.61 -16.61 21.81
CA GLU A 100 10.31 -17.88 22.46
C GLU A 100 8.94 -17.91 23.12
N HIS A 101 8.20 -16.80 23.10
CA HIS A 101 6.86 -16.71 23.70
C HIS A 101 5.76 -16.61 22.66
N LEU A 102 6.07 -16.87 21.40
CA LEU A 102 5.08 -16.74 20.32
C LEU A 102 4.28 -18.03 20.08
N ARG A 103 4.65 -19.16 20.72
CA ARG A 103 3.96 -20.42 20.45
C ARG A 103 2.45 -20.27 20.54
N GLY A 104 1.76 -20.70 19.50
CA GLY A 104 0.30 -20.71 19.50
C GLY A 104 -0.37 -19.41 19.12
N LYS A 105 0.37 -18.34 18.87
CA LYS A 105 -0.23 -17.06 18.57
C LYS A 105 -0.36 -16.83 17.08
N THR A 106 -1.25 -15.90 16.75
CA THR A 106 -1.38 -15.45 15.36
C THR A 106 -0.81 -14.05 15.27
N ILE A 107 0.17 -13.87 14.42
CA ILE A 107 0.75 -12.54 14.12
C ILE A 107 0.16 -12.03 12.81
N ILE A 108 -0.50 -10.86 12.87
CA ILE A 108 -1.03 -10.14 11.72
C ILE A 108 -0.08 -8.98 11.53
N ASN A 109 0.80 -9.03 10.56
CA ASN A 109 1.74 -7.91 10.32
C ASN A 109 1.26 -7.00 9.20
N LEU A 110 0.92 -5.75 9.58
CA LEU A 110 0.39 -4.73 8.65
C LEU A 110 1.44 -3.73 8.28
N THR A 111 2.68 -4.00 8.59
CA THR A 111 3.78 -3.09 8.25
C THR A 111 4.14 -3.16 6.78
N ASN A 112 4.23 -1.99 6.12
CA ASN A 112 4.69 -1.96 4.75
C ASN A 112 6.11 -2.50 4.59
N GLY A 113 6.28 -3.41 3.65
CA GLY A 113 7.62 -3.90 3.37
C GLY A 113 7.67 -4.61 2.04
N THR A 114 8.81 -5.23 1.77
CA THR A 114 8.91 -5.98 0.55
C THR A 114 8.37 -7.41 0.69
N PRO A 115 8.08 -8.09 -0.45
CA PRO A 115 7.68 -9.51 -0.38
C PRO A 115 8.71 -10.35 0.34
N ASP A 116 9.99 -10.10 0.09
CA ASP A 116 11.02 -10.92 0.71
C ASP A 116 11.07 -10.71 2.22
N GLN A 117 10.92 -9.47 2.68
CA GLN A 117 10.93 -9.24 4.13
C GLN A 117 9.82 -10.02 4.81
N ALA A 118 8.63 -10.06 4.19
CA ALA A 118 7.50 -10.80 4.76
C ALA A 118 7.75 -12.28 4.71
N ARG A 119 8.34 -12.78 3.61
CA ARG A 119 8.62 -14.20 3.56
C ARG A 119 9.63 -14.62 4.63
N LYS A 120 10.67 -13.83 4.82
CA LYS A 120 11.65 -14.20 5.84
C LYS A 120 11.09 -14.06 7.26
N LEU A 121 10.33 -13.01 7.51
CA LEU A 121 9.77 -12.87 8.85
C LEU A 121 8.77 -13.99 9.11
N SER A 122 8.01 -14.38 8.08
CA SER A 122 7.08 -15.50 8.22
C SER A 122 7.81 -16.77 8.63
N ASP A 123 8.93 -17.05 7.95
CA ASP A 123 9.71 -18.25 8.27
C ASP A 123 10.16 -18.24 9.73
N LEU A 124 10.69 -17.11 10.19
CA LEU A 124 11.14 -16.94 11.56
C LEU A 124 10.01 -17.16 12.56
N ILE A 125 8.89 -16.52 12.33
CA ILE A 125 7.74 -16.63 13.24
C ILE A 125 7.23 -18.07 13.25
N VAL A 126 7.17 -18.72 12.08
CA VAL A 126 6.60 -20.06 12.07
C VAL A 126 7.53 -21.01 12.79
N SER A 127 8.85 -20.78 12.68
CA SER A 127 9.84 -21.63 13.37
C SER A 127 9.68 -21.55 14.89
N HIS A 128 9.02 -20.51 15.38
CA HIS A 128 8.79 -20.30 16.81
C HIS A 128 7.39 -20.70 17.24
N GLY A 129 6.68 -21.45 16.39
CA GLY A 129 5.44 -22.09 16.73
C GLY A 129 4.22 -21.21 16.62
N ALA A 130 4.32 -20.10 15.90
CA ALA A 130 3.18 -19.24 15.68
C ALA A 130 2.83 -19.27 14.18
N GLN A 131 1.71 -18.61 13.86
CA GLN A 131 1.29 -18.43 12.49
C GLN A 131 1.35 -16.96 12.13
N TYR A 132 1.54 -16.71 10.85
CA TYR A 132 1.83 -15.38 10.34
C TYR A 132 0.95 -15.09 9.13
N VAL A 133 0.29 -13.94 9.17
CA VAL A 133 -0.44 -13.34 8.08
C VAL A 133 0.13 -11.93 7.88
N HIS A 134 0.50 -11.63 6.65
CA HIS A 134 0.84 -10.26 6.29
C HIS A 134 -0.37 -9.56 5.69
N GLY A 135 -0.43 -8.26 5.93
CA GLY A 135 -1.53 -7.44 5.42
C GLY A 135 -1.05 -6.15 4.85
N GLY A 136 -1.64 -5.73 3.74
CA GLY A 136 -1.36 -4.47 3.14
C GLY A 136 -2.60 -3.59 3.27
N ILE A 137 -2.52 -2.52 4.06
CA ILE A 137 -3.66 -1.66 4.32
C ILE A 137 -3.81 -0.69 3.16
N MET A 138 -4.87 -0.83 2.38
CA MET A 138 -5.17 0.05 1.29
C MET A 138 -6.22 1.07 1.79
N ALA A 139 -5.76 1.96 2.64
CA ALA A 139 -6.61 2.93 3.34
C ALA A 139 -5.73 3.93 4.07
N THR A 140 -6.27 5.09 4.33
CA THR A 140 -5.66 6.01 5.27
C THR A 140 -6.22 5.76 6.63
N PRO A 141 -5.64 6.37 7.68
CA PRO A 141 -6.14 6.05 9.03
C PRO A 141 -7.61 6.45 9.21
N SER A 142 -8.01 7.56 8.63
CA SER A 142 -9.40 8.01 8.80
C SER A 142 -10.40 7.05 8.17
N MET A 143 -9.97 6.23 7.20
CA MET A 143 -10.84 5.27 6.48
C MET A 143 -11.03 3.97 7.26
N ILE A 144 -10.19 3.69 8.25
CA ILE A 144 -10.35 2.48 9.01
C ILE A 144 -11.74 2.41 9.64
N GLY A 145 -12.36 1.22 9.59
CA GLY A 145 -13.73 1.06 10.07
C GLY A 145 -14.84 1.42 9.08
N SER A 146 -14.51 1.92 7.90
CA SER A 146 -15.50 2.28 6.88
C SER A 146 -15.51 1.28 5.74
N PRO A 147 -16.58 1.22 4.95
CA PRO A 147 -16.59 0.27 3.86
C PRO A 147 -15.60 0.57 2.77
N HIS A 148 -14.99 1.75 2.78
CA HIS A 148 -14.05 2.16 1.74
C HIS A 148 -12.67 1.56 1.97
N ALA A 149 -12.41 1.11 3.18
CA ALA A 149 -11.11 0.54 3.53
C ALA A 149 -11.05 -0.89 3.04
N LEU A 150 -9.86 -1.31 2.58
CA LEU A 150 -9.56 -2.66 2.17
C LEU A 150 -8.19 -3.03 2.70
N VAL A 151 -8.06 -4.28 3.21
CA VAL A 151 -6.77 -4.84 3.59
C VAL A 151 -6.58 -6.10 2.79
N LEU A 152 -5.43 -6.22 2.11
CA LEU A 152 -5.01 -7.40 1.37
C LEU A 152 -4.15 -8.27 2.27
N TYR A 153 -4.49 -9.56 2.34
CA TYR A 153 -3.84 -10.47 3.26
C TYR A 153 -3.23 -11.66 2.54
N SER A 154 -2.13 -12.19 3.09
CA SER A 154 -1.57 -13.46 2.57
C SER A 154 -0.77 -14.10 3.69
N GLY A 155 -0.57 -15.41 3.56
CA GLY A 155 0.16 -16.13 4.56
C GLY A 155 -0.67 -17.31 5.02
N SER A 156 -0.76 -17.50 6.30
CA SER A 156 -1.44 -18.74 6.76
C SER A 156 -2.93 -18.73 6.47
N PRO A 157 -3.45 -19.64 5.63
CA PRO A 157 -4.91 -19.64 5.38
C PRO A 157 -5.71 -19.98 6.62
N ASP A 158 -5.28 -20.99 7.40
CA ASP A 158 -5.94 -21.32 8.65
C ASP A 158 -6.00 -20.12 9.59
N ALA A 159 -4.85 -19.47 9.83
CA ALA A 159 -4.85 -18.34 10.75
C ALA A 159 -5.72 -17.22 10.21
N PHE A 160 -5.64 -16.96 8.89
CA PHE A 160 -6.51 -15.91 8.39
C PHE A 160 -7.97 -16.24 8.61
N LYS A 161 -8.35 -17.48 8.31
CA LYS A 161 -9.72 -17.91 8.48
C LYS A 161 -10.20 -17.67 9.90
N THR A 162 -9.44 -18.11 10.90
CA THR A 162 -9.94 -17.96 12.27
C THR A 162 -9.86 -16.51 12.75
N ALA A 163 -9.02 -15.65 12.15
CA ALA A 163 -8.97 -14.26 12.56
C ALA A 163 -9.87 -13.36 11.71
N GLU A 164 -10.53 -13.89 10.68
CA GLU A 164 -11.14 -13.00 9.69
C GLU A 164 -12.25 -12.15 10.30
N ALA A 165 -13.03 -12.74 11.21
CA ALA A 165 -14.10 -11.99 11.84
C ALA A 165 -13.56 -10.75 12.56
N ASP A 166 -12.44 -10.90 13.26
CA ASP A 166 -11.81 -9.75 13.93
C ASP A 166 -11.25 -8.73 12.94
N LEU A 167 -10.58 -9.23 11.91
CA LEU A 167 -9.96 -8.30 10.96
C LEU A 167 -11.01 -7.48 10.22
N SER A 168 -12.18 -8.09 9.98
CA SER A 168 -13.23 -7.39 9.26
C SER A 168 -13.79 -6.20 9.99
N VAL A 169 -13.48 -6.04 11.27
CA VAL A 169 -13.83 -4.82 11.98
C VAL A 169 -13.07 -3.65 11.40
N LEU A 170 -11.86 -3.90 10.87
CA LEU A 170 -11.01 -2.80 10.39
C LEU A 170 -11.38 -2.37 8.96
N ALA A 171 -11.76 -3.33 8.13
CA ALA A 171 -11.78 -3.12 6.68
C ALA A 171 -12.30 -4.38 6.03
N LYS A 172 -12.71 -4.25 4.78
CA LYS A 172 -12.92 -5.41 3.93
C LYS A 172 -11.62 -6.20 3.80
N CYS A 173 -11.74 -7.50 3.66
CA CYS A 173 -10.58 -8.38 3.59
C CYS A 173 -10.58 -9.08 2.24
N ILE A 174 -9.43 -9.16 1.62
CA ILE A 174 -9.18 -10.04 0.49
C ILE A 174 -7.98 -10.89 0.85
N PHE A 175 -8.14 -12.20 0.76
CA PHE A 175 -7.03 -13.12 1.01
C PHE A 175 -6.45 -13.63 -0.31
N LEU A 176 -5.14 -13.46 -0.48
CA LEU A 176 -4.42 -13.68 -1.73
C LEU A 176 -3.67 -15.02 -1.78
N GLY A 177 -3.74 -15.81 -0.74
CA GLY A 177 -3.13 -17.11 -0.77
C GLY A 177 -2.04 -17.24 0.27
N GLU A 178 -1.35 -18.40 0.19
CA GLU A 178 -0.44 -18.87 1.22
C GLU A 178 0.96 -18.25 1.16
N ASP A 179 1.33 -17.55 0.08
CA ASP A 179 2.62 -16.90 0.00
C ASP A 179 2.63 -15.68 0.91
N ALA A 180 3.45 -15.70 1.97
CA ALA A 180 3.41 -14.60 2.93
C ALA A 180 3.77 -13.26 2.32
N GLY A 181 4.51 -13.25 1.21
CA GLY A 181 4.88 -12.03 0.49
C GLY A 181 3.91 -11.54 -0.59
N SER A 182 2.79 -12.23 -0.84
CA SER A 182 1.86 -11.76 -1.86
C SER A 182 1.10 -10.51 -1.48
N ALA A 183 0.78 -10.32 -0.19
CA ALA A 183 0.07 -9.11 0.22
C ALA A 183 0.94 -7.90 -0.04
N SER A 184 2.21 -7.97 0.29
CA SER A 184 3.07 -6.80 0.09
C SER A 184 3.38 -6.59 -1.37
N LEU A 185 3.47 -7.68 -2.17
CA LEU A 185 3.64 -7.45 -3.60
C LEU A 185 2.47 -6.66 -4.17
N HIS A 186 1.25 -7.09 -3.89
CA HIS A 186 0.06 -6.40 -4.40
C HIS A 186 -0.13 -4.99 -3.80
N ASP A 187 0.23 -4.82 -2.52
CA ASP A 187 0.21 -3.52 -1.87
C ASP A 187 1.14 -2.56 -2.62
N LEU A 188 2.42 -2.94 -2.74
CA LEU A 188 3.42 -2.08 -3.36
C LEU A 188 3.07 -1.81 -4.81
N ALA A 189 2.47 -2.78 -5.51
CA ALA A 189 2.03 -2.47 -6.87
C ALA A 189 0.89 -1.45 -6.89
N LEU A 190 -0.09 -1.60 -6.01
CA LEU A 190 -1.15 -0.60 -5.93
C LEU A 190 -0.59 0.78 -5.54
N LEU A 191 0.37 0.80 -4.60
CA LEU A 191 0.98 2.09 -4.24
C LEU A 191 1.76 2.68 -5.38
N SER A 192 2.43 1.85 -6.15
CA SER A 192 3.14 2.39 -7.30
CA SER A 192 3.14 2.37 -7.32
C SER A 192 2.14 3.00 -8.29
N GLY A 193 0.95 2.38 -8.44
CA GLY A 193 -0.07 3.05 -9.26
C GLY A 193 -0.48 4.40 -8.71
N MET A 194 -0.73 4.47 -7.40
CA MET A 194 -1.00 5.71 -6.74
C MET A 194 0.06 6.76 -6.97
N TYR A 195 1.33 6.38 -6.79
CA TYR A 195 2.38 7.37 -6.93
C TYR A 195 2.48 7.85 -8.36
N GLY A 196 2.10 7.05 -9.33
CA GLY A 196 2.10 7.54 -10.69
C GLY A 196 0.98 8.58 -10.89
N LEU A 197 -0.20 8.26 -10.38
CA LEU A 197 -1.30 9.20 -10.42
CA LEU A 197 -1.30 9.18 -10.40
C LEU A 197 -0.95 10.51 -9.72
N PHE A 198 -0.36 10.42 -8.50
CA PHE A 198 0.02 11.63 -7.79
C PHE A 198 1.14 12.42 -8.51
N SER A 199 2.04 11.72 -9.18
CA SER A 199 3.09 12.36 -9.99
C SER A 199 2.46 13.17 -11.10
N GLY A 200 1.47 12.58 -11.78
CA GLY A 200 0.74 13.30 -12.82
C GLY A 200 -0.06 14.48 -12.26
N PHE A 201 -0.72 14.31 -11.10
CA PHE A 201 -1.46 15.42 -10.52
C PHE A 201 -0.54 16.59 -10.19
N LEU A 202 0.61 16.31 -9.57
CA LEU A 202 1.52 17.36 -9.21
C LEU A 202 2.10 18.04 -10.44
N HIS A 203 2.51 17.26 -11.44
CA HIS A 203 3.01 17.86 -12.68
C HIS A 203 1.96 18.79 -13.28
N ALA A 204 0.75 18.30 -13.44
CA ALA A 204 -0.33 19.03 -14.06
C ALA A 204 -0.65 20.31 -13.29
N THR A 205 -0.77 20.21 -11.97
CA THR A 205 -1.10 21.38 -11.16
C THR A 205 0.03 22.38 -11.19
N ALA A 206 1.28 21.89 -11.21
CA ALA A 206 2.42 22.81 -11.26
C ALA A 206 2.42 23.59 -12.57
N LEU A 207 2.00 22.96 -13.67
CA LEU A 207 2.04 23.65 -14.94
C LEU A 207 1.02 24.76 -15.02
N VAL A 208 -0.15 24.57 -14.41
CA VAL A 208 -1.22 25.58 -14.48
C VAL A 208 -1.26 26.52 -13.28
N ARG A 209 -0.33 26.39 -12.33
N ARG A 209 -0.35 26.39 -12.32
CA ARG A 209 -0.44 27.07 -11.04
CA ARG A 209 -0.47 27.09 -11.04
C ARG A 209 -0.47 28.59 -11.22
C ARG A 209 -0.51 28.61 -11.26
N SER A 210 0.30 29.10 -12.18
CA SER A 210 0.39 30.55 -12.37
C SER A 210 -0.77 31.12 -13.15
N SER A 211 -1.63 30.26 -13.69
CA SER A 211 -2.74 30.64 -14.57
C SER A 211 -4.12 30.46 -13.95
N THR A 212 -4.32 29.42 -13.18
CA THR A 212 -5.64 28.91 -12.82
C THR A 212 -5.55 28.48 -11.37
N PRO A 213 -6.58 28.68 -10.56
CA PRO A 213 -6.56 28.00 -9.26
C PRO A 213 -6.53 26.47 -9.41
N ALA A 214 -5.85 25.77 -8.50
CA ALA A 214 -5.77 24.34 -8.55
C ALA A 214 -7.15 23.74 -8.40
N VAL A 215 -7.99 24.37 -7.59
CA VAL A 215 -9.31 23.84 -7.40
C VAL A 215 -10.13 23.97 -8.67
N LYS A 216 -9.91 25.02 -9.44
CA LYS A 216 -10.59 25.16 -10.74
C LYS A 216 -10.08 24.14 -11.74
N PHE A 217 -8.78 23.91 -11.73
CA PHE A 217 -8.23 22.96 -12.69
C PHE A 217 -8.69 21.52 -12.42
N VAL A 218 -8.83 21.15 -11.16
CA VAL A 218 -9.20 19.77 -10.84
C VAL A 218 -10.62 19.45 -11.33
N ASP A 219 -11.46 20.47 -11.58
CA ASP A 219 -12.73 20.23 -12.23
C ASP A 219 -12.56 19.69 -13.65
N LEU A 220 -11.48 20.07 -14.34
CA LEU A 220 -11.11 19.42 -15.61
C LEU A 220 -10.37 18.12 -15.36
N LEU A 221 -9.37 18.16 -14.47
CA LEU A 221 -8.47 17.01 -14.32
C LEU A 221 -9.19 15.74 -13.84
N VAL A 222 -10.02 15.85 -12.83
CA VAL A 222 -10.64 14.62 -12.28
C VAL A 222 -11.46 13.83 -13.30
N PRO A 223 -12.36 14.43 -14.06
CA PRO A 223 -13.06 13.66 -15.09
C PRO A 223 -12.10 13.06 -16.10
N TRP A 224 -11.08 13.80 -16.45
CA TRP A 224 -10.13 13.33 -17.45
C TRP A 224 -9.37 12.10 -16.94
N LEU A 225 -8.94 12.15 -15.68
CA LEU A 225 -8.24 10.99 -15.09
C LEU A 225 -9.17 9.81 -14.98
N GLY A 226 -10.45 10.06 -14.74
CA GLY A 226 -11.42 8.97 -14.79
C GLY A 226 -11.53 8.30 -16.15
N ALA A 227 -11.60 9.09 -17.20
CA ALA A 227 -11.60 8.56 -18.55
C ALA A 227 -10.32 7.81 -18.85
N MET A 228 -9.18 8.35 -18.43
CA MET A 228 -7.92 7.62 -18.67
C MET A 228 -7.76 6.41 -17.79
N THR A 229 -8.39 6.37 -16.62
CA THR A 229 -8.38 5.18 -15.80
C THR A 229 -9.20 4.07 -16.47
N GLU A 230 -10.26 4.47 -17.16
CA GLU A 230 -11.01 3.51 -17.97
C GLU A 230 -10.20 2.97 -19.14
N TYR A 231 -9.42 3.83 -19.82
CA TYR A 231 -8.54 3.37 -20.90
C TYR A 231 -7.60 2.27 -20.38
N THR A 232 -7.38 2.15 -19.03
CA THR A 232 -6.43 1.12 -18.52
C THR A 232 -6.98 -0.32 -18.56
N LYS A 233 -8.29 -0.49 -18.49
CA LYS A 233 -8.87 -1.82 -18.44
C LYS A 233 -8.60 -2.54 -19.75
N GLY A 234 -8.70 -1.82 -20.87
CA GLY A 234 -8.39 -2.41 -22.14
C GLY A 234 -6.91 -2.57 -22.38
N MET A 235 -6.10 -1.68 -21.78
CA MET A 235 -4.65 -1.82 -21.80
C MET A 235 -4.25 -3.11 -21.11
N ALA A 236 -4.94 -3.48 -20.03
CA ALA A 236 -4.63 -4.74 -19.34
C ALA A 236 -4.93 -5.91 -20.26
N LYS A 237 -6.02 -5.80 -21.01
CA LYS A 237 -6.37 -6.79 -22.04
C LYS A 237 -5.27 -6.91 -23.09
N GLN A 238 -4.83 -5.79 -23.66
CA GLN A 238 -3.78 -5.85 -24.66
C GLN A 238 -2.53 -6.50 -24.08
N ILE A 239 -2.16 -6.15 -22.84
CA ILE A 239 -0.99 -6.75 -22.18
C ILE A 239 -1.13 -8.28 -22.04
N ASP A 240 -2.28 -8.77 -21.56
CA ASP A 240 -2.46 -10.22 -21.33
C ASP A 240 -2.49 -10.96 -22.65
N GLU A 241 -2.70 -10.26 -23.76
CA GLU A 241 -2.75 -10.89 -25.07
C GLU A 241 -1.52 -10.66 -25.93
N GLY A 242 -0.60 -9.79 -25.54
CA GLY A 242 0.55 -9.45 -26.38
C GLY A 242 0.23 -8.76 -27.69
N ASN A 243 -0.88 -8.01 -27.76
CA ASN A 243 -1.36 -7.41 -29.01
C ASN A 243 -1.44 -5.88 -28.90
N TYR A 244 -0.47 -5.18 -29.50
CA TYR A 244 -0.23 -3.76 -29.23
C TYR A 244 -0.58 -2.88 -30.42
N ALA A 245 -1.20 -3.46 -31.46
CA ALA A 245 -1.60 -2.73 -32.66
C ALA A 245 -2.43 -1.49 -32.31
N SER A 246 -2.03 -0.33 -32.85
CA SER A 246 -2.67 0.93 -32.41
C SER A 246 -4.15 0.97 -32.72
N GLU A 247 -4.93 1.43 -31.75
CA GLU A 247 -6.34 1.74 -31.94
C GLU A 247 -6.57 3.24 -32.13
N GLY A 248 -5.52 4.01 -32.49
CA GLY A 248 -5.70 5.40 -32.84
C GLY A 248 -4.75 6.41 -32.23
N SER A 249 -3.77 6.00 -31.36
CA SER A 249 -2.93 6.90 -30.55
C SER A 249 -1.50 6.35 -30.56
N ASN A 250 -0.75 6.59 -31.67
CA ASN A 250 0.54 5.92 -31.88
C ASN A 250 1.68 6.59 -31.11
N LEU A 251 2.74 5.78 -30.84
CA LEU A 251 3.78 6.25 -29.96
C LEU A 251 4.59 7.35 -30.56
N GLY A 252 4.76 7.33 -31.89
CA GLY A 252 5.47 8.44 -32.50
C GLY A 252 4.81 9.76 -32.18
N MET A 253 3.50 9.79 -32.32
CA MET A 253 2.75 11.01 -32.08
C MET A 253 2.80 11.34 -30.58
N GLN A 254 2.77 10.31 -29.74
CA GLN A 254 2.82 10.55 -28.30
C GLN A 254 4.18 11.08 -27.86
N LEU A 255 5.29 10.65 -28.52
CA LEU A 255 6.60 11.16 -28.13
C LEU A 255 6.70 12.66 -28.42
N VAL A 256 6.11 13.08 -29.51
CA VAL A 256 6.04 14.53 -29.80
C VAL A 256 5.27 15.25 -28.72
N ALA A 257 4.10 14.73 -28.33
CA ALA A 257 3.32 15.33 -27.27
C ALA A 257 4.08 15.41 -25.96
N ILE A 258 4.73 14.32 -25.58
CA ILE A 258 5.55 14.33 -24.37
C ILE A 258 6.65 15.39 -24.45
N GLN A 259 7.32 15.52 -25.60
CA GLN A 259 8.37 16.52 -25.71
C GLN A 259 7.76 17.91 -25.58
N ASN A 260 6.54 18.09 -26.07
CA ASN A 260 5.89 19.38 -25.89
C ASN A 260 5.60 19.64 -24.40
N ILE A 261 5.27 18.59 -23.67
CA ILE A 261 5.08 18.73 -22.22
C ILE A 261 6.40 19.12 -21.58
N ILE A 262 7.50 18.46 -21.98
CA ILE A 262 8.81 18.78 -21.40
C ILE A 262 9.20 20.21 -21.68
N ASP A 263 8.98 20.66 -22.92
CA ASP A 263 9.37 22.00 -23.30
C ASP A 263 8.49 23.03 -22.62
N ALA A 264 7.19 22.81 -22.55
CA ALA A 264 6.30 23.76 -21.88
C ALA A 264 6.64 23.85 -20.40
N SER A 265 7.05 22.73 -19.80
CA SER A 265 7.48 22.74 -18.41
C SER A 265 8.68 23.64 -18.22
N ALA A 266 9.70 23.48 -19.07
CA ALA A 266 10.86 24.33 -18.94
C ALA A 266 10.53 25.81 -19.07
N ALA A 267 9.65 26.16 -19.98
CA ALA A 267 9.32 27.54 -20.21
C ALA A 267 8.70 28.16 -18.97
N GLN A 268 8.12 27.35 -18.13
CA GLN A 268 7.41 27.81 -16.95
C GLN A 268 8.23 27.57 -15.70
N GLN A 269 9.48 27.15 -15.88
CA GLN A 269 10.35 26.77 -14.77
C GLN A 269 9.73 25.72 -13.85
N VAL A 270 9.01 24.78 -14.44
CA VAL A 270 8.48 23.62 -13.76
C VAL A 270 9.33 22.42 -14.16
N SER A 271 9.63 21.57 -13.23
CA SER A 271 10.44 20.41 -13.55
C SER A 271 9.62 19.45 -14.43
N ALA A 272 10.30 18.83 -15.41
CA ALA A 272 9.60 17.79 -16.18
C ALA A 272 10.07 16.38 -15.81
N ASP A 273 10.72 16.23 -14.64
CA ASP A 273 11.31 14.96 -14.29
C ASP A 273 10.26 13.88 -14.14
N PHE A 274 9.02 14.25 -13.73
CA PHE A 274 8.00 13.21 -13.58
C PHE A 274 7.78 12.40 -14.86
N ILE A 275 7.91 13.03 -16.04
CA ILE A 275 7.56 12.38 -17.31
C ILE A 275 8.78 11.85 -18.08
N ARG A 276 9.98 12.14 -17.62
CA ARG A 276 11.18 11.64 -18.33
C ARG A 276 11.25 10.13 -18.33
N PRO A 277 10.84 9.41 -17.28
CA PRO A 277 10.87 7.94 -17.39
C PRO A 277 10.00 7.43 -18.50
N MET A 278 8.78 7.94 -18.59
CA MET A 278 7.88 7.54 -19.66
C MET A 278 8.47 7.87 -21.03
N LYS A 279 9.09 9.05 -21.18
CA LYS A 279 9.72 9.37 -22.47
C LYS A 279 10.81 8.37 -22.82
N GLU A 280 11.64 8.01 -21.86
CA GLU A 280 12.75 7.06 -22.07
C GLU A 280 12.22 5.67 -22.42
N PHE A 281 11.21 5.19 -21.71
CA PHE A 281 10.65 3.91 -22.06
C PHE A 281 9.96 3.95 -23.44
N MET A 282 9.28 5.05 -23.77
CA MET A 282 8.64 5.14 -25.06
C MET A 282 9.67 5.21 -26.17
N GLU A 283 10.76 5.95 -25.97
CA GLU A 283 11.83 6.00 -26.96
C GLU A 283 12.42 4.63 -27.20
N LYS A 284 12.64 3.86 -26.13
CA LYS A 284 13.18 2.51 -26.30
C LYS A 284 12.24 1.65 -27.13
N ALA A 285 10.93 1.73 -26.83
CA ALA A 285 9.98 0.91 -27.56
C ALA A 285 9.92 1.32 -29.03
N VAL A 286 10.04 2.63 -29.30
CA VAL A 286 9.99 3.09 -30.70
C VAL A 286 11.23 2.59 -31.44
N VAL A 287 12.38 2.60 -30.76
CA VAL A 287 13.62 2.10 -31.39
C VAL A 287 13.45 0.63 -31.73
N ALA A 288 12.77 -0.11 -30.87
CA ALA A 288 12.51 -1.52 -31.05
C ALA A 288 11.40 -1.82 -32.06
N GLY A 289 10.73 -0.81 -32.61
CA GLY A 289 9.79 -1.03 -33.69
C GLY A 289 8.34 -0.74 -33.37
N HIS A 290 8.06 -0.02 -32.30
CA HIS A 290 6.70 0.19 -31.83
C HIS A 290 6.19 1.61 -32.09
N GLY A 291 6.85 2.36 -32.97
CA GLY A 291 6.36 3.71 -33.24
C GLY A 291 4.91 3.74 -33.67
N GLY A 292 4.43 2.64 -34.28
CA GLY A 292 3.06 2.57 -34.73
C GLY A 292 2.17 1.73 -33.80
N ASP A 293 2.64 1.48 -32.59
CA ASP A 293 1.88 0.72 -31.61
C ASP A 293 1.28 1.61 -30.50
N ASP A 294 0.44 0.97 -29.67
CA ASP A 294 -0.17 1.64 -28.52
C ASP A 294 0.78 1.61 -27.30
N ILE A 295 0.39 2.35 -26.27
CA ILE A 295 1.25 2.49 -25.10
C ILE A 295 1.38 1.21 -24.24
N SER A 296 0.43 0.29 -24.30
CA SER A 296 0.54 -0.96 -23.60
C SER A 296 1.80 -1.71 -24.00
N SER A 297 2.33 -1.39 -25.18
CA SER A 297 3.51 -2.07 -25.66
C SER A 297 4.69 -1.79 -24.75
N LEU A 298 4.63 -0.73 -23.96
CA LEU A 298 5.78 -0.41 -23.11
C LEU A 298 5.99 -1.44 -22.01
N ILE A 299 4.99 -2.29 -21.73
CA ILE A 299 5.13 -3.25 -20.62
C ILE A 299 6.37 -4.12 -20.79
N ASP A 300 6.78 -4.38 -22.03
CA ASP A 300 7.95 -5.19 -22.27
C ASP A 300 9.24 -4.42 -22.11
N PHE A 301 9.19 -3.10 -21.92
CA PHE A 301 10.37 -2.27 -21.87
C PHE A 301 10.64 -1.69 -20.50
N VAL A 302 9.85 -2.07 -19.51
CA VAL A 302 10.01 -1.55 -18.17
C VAL A 302 10.81 -2.51 -17.30
N LYS A 303 11.58 -3.38 -17.90
CA LYS A 303 12.41 -4.31 -17.16
C LYS A 303 13.74 -3.68 -16.74
N SER A 304 14.45 -4.44 -15.92
CA SER A 304 15.80 -4.17 -15.46
C SER A 304 15.75 -3.55 -14.08
#